data_7OOL
#
_entry.id   7OOL
#
_cell.length_a   140.080
_cell.length_b   140.080
_cell.length_c   140.080
_cell.angle_alpha   90.000
_cell.angle_beta   90.000
_cell.angle_gamma   90.000
#
_symmetry.space_group_name_H-M   'I 21 3'
#
loop_
_entity.id
_entity.type
_entity.pdbx_description
1 polymer Thioredoxin
2 non-polymer DI(HYDROXYETHYL)ETHER
3 non-polymer 'TETRAETHYLENE GLYCOL'
4 non-polymer 1,2-ETHANEDIOL
5 non-polymer 'SULFATE ION'
6 non-polymer GLYCEROL
7 non-polymer 'TRIETHYLENE GLYCOL'
8 water water
#
_entity_poly.entity_id   1
_entity_poly.type   'polypeptide(L)'
_entity_poly.pdbx_seq_one_letter_code
;MSKKILQLTDDSFELNVISASGVVLVDFWAEWCSPCKSISPIIDEISIEYADKLTVGKLNIDQNPVVPTKYGIRSIPTLL
LFKSGEVIATKVGALSKAQLREFLDAYLK
;
_entity_poly.pdbx_strand_id   A,B
#
loop_
_chem_comp.id
_chem_comp.type
_chem_comp.name
_chem_comp.formula
EDO non-polymer 1,2-ETHANEDIOL 'C2 H6 O2'
GOL non-polymer GLYCEROL 'C3 H8 O3'
PEG non-polymer DI(HYDROXYETHYL)ETHER 'C4 H10 O3'
PG4 non-polymer 'TETRAETHYLENE GLYCOL' 'C8 H18 O5'
PGE non-polymer 'TRIETHYLENE GLYCOL' 'C6 H14 O4'
SO4 non-polymer 'SULFATE ION' 'O4 S -2'
#
# COMPACT_ATOMS: atom_id res chain seq x y z
N LYS A 4 -5.98 -7.51 0.56
CA LYS A 4 -4.78 -7.26 1.34
C LYS A 4 -3.57 -7.08 0.45
N ILE A 5 -3.78 -6.57 -0.77
CA ILE A 5 -2.73 -6.40 -1.76
C ILE A 5 -2.45 -4.93 -2.00
N LEU A 6 -1.17 -4.60 -2.14
CA LEU A 6 -0.70 -3.24 -2.33
C LEU A 6 -0.44 -3.01 -3.81
N GLN A 7 -1.27 -2.18 -4.44
CA GLN A 7 -1.12 -1.87 -5.87
C GLN A 7 -0.04 -0.80 -6.03
N LEU A 8 1.12 -1.19 -6.54
CA LEU A 8 2.27 -0.30 -6.68
C LEU A 8 2.27 0.42 -8.04
N THR A 9 2.96 1.55 -8.07
CA THR A 9 3.17 2.32 -9.30
C THR A 9 4.61 2.78 -9.36
N ASP A 10 4.98 3.37 -10.49
CA ASP A 10 6.31 3.97 -10.61
C ASP A 10 6.51 5.05 -9.56
N ASP A 11 5.46 5.82 -9.24
CA ASP A 11 5.57 6.92 -8.30
C ASP A 11 5.55 6.47 -6.84
N SER A 12 4.87 5.37 -6.53
CA SER A 12 4.73 4.92 -5.16
C SER A 12 5.70 3.81 -4.77
N PHE A 13 6.47 3.28 -5.73
CA PHE A 13 7.30 2.10 -5.44
C PHE A 13 8.39 2.41 -4.43
N GLU A 14 9.16 3.47 -4.66
CA GLU A 14 10.25 3.82 -3.74
C GLU A 14 9.73 4.13 -2.35
N LEU A 15 8.55 4.73 -2.25
CA LEU A 15 8.00 5.07 -0.94
C LEU A 15 7.59 3.83 -0.16
N ASN A 16 7.07 2.81 -0.85
CA ASN A 16 6.43 1.68 -0.19
C ASN A 16 7.27 0.41 -0.16
N VAL A 17 8.30 0.29 -1.01
CA VAL A 17 9.12 -0.91 -1.08
C VAL A 17 10.55 -0.63 -0.65
N ILE A 18 11.19 0.37 -1.27
CA ILE A 18 12.57 0.69 -0.96
C ILE A 18 12.69 1.23 0.46
N SER A 19 11.84 2.20 0.82
CA SER A 19 11.88 2.83 2.14
C SER A 19 11.29 1.94 3.24
N ALA A 20 10.61 0.86 2.89
CA ALA A 20 10.07 -0.03 3.89
C ALA A 20 11.17 -0.82 4.59
N SER A 21 11.00 -1.06 5.89
CA SER A 21 11.95 -1.85 6.65
C SER A 21 11.62 -3.34 6.61
N GLY A 22 10.35 -3.70 6.43
CA GLY A 22 9.92 -5.07 6.45
C GLY A 22 10.18 -5.81 5.15
N VAL A 23 9.56 -6.98 5.02
CA VAL A 23 9.68 -7.83 3.84
C VAL A 23 8.49 -7.57 2.93
N VAL A 24 8.75 -7.48 1.62
CA VAL A 24 7.75 -7.11 0.62
C VAL A 24 7.91 -8.03 -0.58
N LEU A 25 6.85 -8.73 -0.96
CA LEU A 25 6.80 -9.51 -2.18
C LEU A 25 6.12 -8.70 -3.27
N VAL A 26 6.83 -8.45 -4.37
CA VAL A 26 6.32 -7.66 -5.49
C VAL A 26 6.11 -8.60 -6.68
N ASP A 27 4.90 -8.57 -7.24
CA ASP A 27 4.52 -9.39 -8.39
C ASP A 27 4.43 -8.47 -9.62
N PHE A 28 5.38 -8.59 -10.53
CA PHE A 28 5.35 -7.84 -11.78
C PHE A 28 4.49 -8.59 -12.79
N TRP A 29 3.46 -7.93 -13.32
CA TRP A 29 2.43 -8.61 -14.08
C TRP A 29 1.90 -7.69 -15.19
N ALA A 30 1.06 -8.27 -16.04
CA ALA A 30 0.40 -7.54 -17.11
C ALA A 30 -0.80 -8.35 -17.58
N GLU A 31 -1.81 -7.63 -18.09
CA GLU A 31 -3.08 -8.25 -18.49
C GLU A 31 -2.88 -9.24 -19.63
N TRP A 32 -2.00 -8.92 -20.58
CA TRP A 32 -1.79 -9.77 -21.75
C TRP A 32 -1.02 -11.04 -21.43
N CYS A 33 -0.42 -11.12 -20.23
CA CYS A 33 0.31 -12.29 -19.80
C CYS A 33 -0.65 -13.25 -19.09
N SER A 34 -0.91 -14.41 -19.71
CA SER A 34 -1.83 -15.40 -19.17
C SER A 34 -1.26 -16.13 -17.94
N PRO A 35 0.04 -16.46 -17.89
CA PRO A 35 0.58 -16.97 -16.61
C PRO A 35 0.43 -15.99 -15.46
N CYS A 36 0.56 -14.69 -15.73
CA CYS A 36 0.33 -13.69 -14.70
C CYS A 36 -1.08 -13.83 -14.12
N LYS A 37 -2.09 -13.89 -14.98
CA LYS A 37 -3.46 -14.08 -14.53
C LYS A 37 -3.65 -15.41 -13.80
N SER A 38 -2.93 -16.45 -14.21
CA SER A 38 -3.12 -17.77 -13.62
C SER A 38 -2.73 -17.80 -12.15
N ILE A 39 -1.65 -17.11 -11.78
CA ILE A 39 -1.22 -17.09 -10.38
C ILE A 39 -1.91 -16.03 -9.55
N SER A 40 -2.73 -15.17 -10.17
CA SER A 40 -3.36 -14.08 -9.44
C SER A 40 -4.18 -14.54 -8.25
N PRO A 41 -5.06 -15.55 -8.36
CA PRO A 41 -5.76 -16.01 -7.14
C PRO A 41 -4.81 -16.57 -6.11
N ILE A 42 -3.69 -17.16 -6.54
CA ILE A 42 -2.71 -17.68 -5.59
C ILE A 42 -2.06 -16.55 -4.81
N ILE A 43 -1.70 -15.46 -5.49
CA ILE A 43 -1.08 -14.32 -4.83
C ILE A 43 -2.00 -13.76 -3.77
N ASP A 44 -3.31 -13.65 -4.09
CA ASP A 44 -4.27 -13.11 -3.14
C ASP A 44 -4.36 -13.97 -1.88
N GLU A 45 -4.48 -15.29 -2.07
CA GLU A 45 -4.52 -16.21 -0.94
C GLU A 45 -3.28 -16.06 -0.08
N ILE A 46 -2.11 -15.99 -0.71
CA ILE A 46 -0.86 -15.81 0.03
C ILE A 46 -0.88 -14.49 0.79
N SER A 47 -1.46 -13.44 0.20
CA SER A 47 -1.51 -12.14 0.88
C SER A 47 -2.23 -12.23 2.22
N ILE A 48 -3.35 -12.95 2.25
CA ILE A 48 -4.08 -13.13 3.49
C ILE A 48 -3.36 -14.11 4.39
N GLU A 49 -2.80 -15.17 3.80
CA GLU A 49 -2.17 -16.24 4.56
C GLU A 49 -0.93 -15.76 5.29
N TYR A 50 -0.04 -15.07 4.57
CA TYR A 50 1.21 -14.56 5.13
C TYR A 50 1.11 -13.10 5.54
N ALA A 51 -0.11 -12.64 5.87
CA ALA A 51 -0.31 -11.22 6.19
C ALA A 51 0.55 -10.77 7.37
N ASP A 52 0.69 -11.62 8.39
CA ASP A 52 1.46 -11.24 9.56
C ASP A 52 2.97 -11.20 9.29
N LYS A 53 3.43 -11.81 8.20
CA LYS A 53 4.85 -11.99 7.95
C LYS A 53 5.43 -11.04 6.92
N LEU A 54 4.67 -10.66 5.89
CA LEU A 54 5.21 -9.80 4.83
C LEU A 54 4.08 -8.97 4.23
N THR A 55 4.42 -8.15 3.24
CA THR A 55 3.47 -7.34 2.49
C THR A 55 3.52 -7.74 1.03
N VAL A 56 2.37 -8.06 0.45
CA VAL A 56 2.27 -8.45 -0.95
C VAL A 56 1.88 -7.24 -1.78
N GLY A 57 2.57 -7.04 -2.89
CA GLY A 57 2.26 -5.95 -3.80
C GLY A 57 2.37 -6.39 -5.24
N LYS A 58 1.56 -5.75 -6.09
CA LYS A 58 1.55 -6.03 -7.52
C LYS A 58 1.87 -4.74 -8.29
N LEU A 59 2.58 -4.88 -9.40
CA LEU A 59 2.91 -3.75 -10.26
C LEU A 59 2.64 -4.15 -11.71
N ASN A 60 1.71 -3.46 -12.36
CA ASN A 60 1.42 -3.66 -13.76
C ASN A 60 2.48 -2.95 -14.61
N ILE A 61 3.19 -3.72 -15.43
CA ILE A 61 4.34 -3.16 -16.15
C ILE A 61 3.93 -2.39 -17.40
N ASP A 62 2.69 -2.55 -17.88
CA ASP A 62 2.19 -1.69 -18.95
C ASP A 62 2.00 -0.26 -18.46
N GLN A 63 1.40 -0.11 -17.27
CA GLN A 63 1.14 1.20 -16.70
C GLN A 63 2.37 1.81 -16.05
N ASN A 64 3.30 0.96 -15.59
CA ASN A 64 4.46 1.39 -14.82
C ASN A 64 5.69 0.71 -15.38
N PRO A 65 6.29 1.26 -16.43
CA PRO A 65 7.44 0.60 -17.05
C PRO A 65 8.79 0.91 -16.42
N VAL A 66 8.89 1.99 -15.64
CA VAL A 66 10.19 2.47 -15.18
C VAL A 66 10.80 1.50 -14.16
N VAL A 67 10.03 1.13 -13.12
CA VAL A 67 10.55 0.18 -12.13
C VAL A 67 10.94 -1.15 -12.76
N PRO A 68 10.13 -1.78 -13.63
CA PRO A 68 10.60 -2.98 -14.33
C PRO A 68 11.93 -2.77 -15.07
N THR A 69 12.05 -1.65 -15.78
CA THR A 69 13.29 -1.35 -16.50
C THR A 69 14.49 -1.26 -15.55
N LYS A 70 14.33 -0.53 -14.45
CA LYS A 70 15.45 -0.30 -13.53
C LYS A 70 15.99 -1.60 -12.96
N TYR A 71 15.14 -2.61 -12.78
CA TYR A 71 15.54 -3.88 -12.20
C TYR A 71 15.80 -4.95 -13.25
N GLY A 72 15.76 -4.60 -14.53
CA GLY A 72 16.09 -5.53 -15.59
C GLY A 72 15.19 -6.75 -15.64
N ILE A 73 13.89 -6.56 -15.51
CA ILE A 73 12.93 -7.66 -15.59
C ILE A 73 12.77 -8.07 -17.05
N ARG A 74 13.10 -9.33 -17.35
N ARG A 74 13.10 -9.32 -17.35
CA ARG A 74 13.09 -9.83 -18.72
CA ARG A 74 13.07 -9.83 -18.72
C ARG A 74 11.73 -10.44 -19.09
C ARG A 74 11.70 -10.40 -19.08
N SER A 75 11.13 -11.23 -18.20
CA SER A 75 9.86 -11.87 -18.44
C SER A 75 8.92 -11.58 -17.29
N ILE A 76 7.64 -11.92 -17.48
CA ILE A 76 6.64 -11.86 -16.41
C ILE A 76 5.83 -13.16 -16.42
N PRO A 77 5.27 -13.58 -15.28
CA PRO A 77 5.37 -12.88 -14.00
C PRO A 77 6.73 -13.08 -13.33
N THR A 78 7.29 -12.01 -12.77
CA THR A 78 8.50 -12.07 -11.97
C THR A 78 8.15 -11.67 -10.55
N LEU A 79 8.57 -12.48 -9.58
CA LEU A 79 8.36 -12.20 -8.17
C LEU A 79 9.67 -11.79 -7.56
N LEU A 80 9.71 -10.57 -7.02
CA LEU A 80 10.88 -10.05 -6.31
C LEU A 80 10.54 -9.98 -4.82
N LEU A 81 11.38 -10.63 -4.02
CA LEU A 81 11.24 -10.60 -2.57
C LEU A 81 12.22 -9.56 -2.04
N PHE A 82 11.68 -8.48 -1.48
CA PHE A 82 12.47 -7.40 -0.90
C PHE A 82 12.54 -7.56 0.61
N LYS A 83 13.72 -7.32 1.17
CA LYS A 83 13.88 -7.15 2.61
C LYS A 83 14.59 -5.82 2.83
N SER A 84 14.00 -5.00 3.71
CA SER A 84 14.31 -3.57 3.72
C SER A 84 14.16 -3.04 2.29
N GLY A 85 15.22 -2.46 1.76
CA GLY A 85 15.15 -1.91 0.43
C GLY A 85 15.74 -2.78 -0.66
N GLU A 86 16.38 -3.88 -0.27
CA GLU A 86 17.14 -4.70 -1.20
C GLU A 86 16.39 -5.98 -1.58
N VAL A 87 16.67 -6.46 -2.79
CA VAL A 87 16.13 -7.72 -3.27
C VAL A 87 16.91 -8.87 -2.64
N ILE A 88 16.21 -9.84 -2.06
CA ILE A 88 16.86 -11.00 -1.48
C ILE A 88 16.60 -12.29 -2.26
N ALA A 89 15.54 -12.37 -3.05
CA ALA A 89 15.26 -13.58 -3.81
C ALA A 89 14.36 -13.26 -5.00
N THR A 90 14.43 -14.13 -6.01
CA THR A 90 13.70 -13.93 -7.27
C THR A 90 13.09 -15.24 -7.74
N LYS A 91 11.91 -15.14 -8.36
CA LYS A 91 11.23 -16.27 -8.98
C LYS A 91 10.58 -15.78 -10.27
N VAL A 92 11.02 -16.31 -11.41
CA VAL A 92 10.51 -15.91 -12.71
C VAL A 92 9.62 -17.03 -13.25
N GLY A 93 8.45 -16.65 -13.75
CA GLY A 93 7.51 -17.60 -14.30
C GLY A 93 6.44 -18.01 -13.30
N ALA A 94 5.39 -18.62 -13.85
CA ALA A 94 4.27 -19.07 -13.02
C ALA A 94 4.71 -20.16 -12.06
N LEU A 95 3.97 -20.29 -10.97
CA LEU A 95 4.31 -21.22 -9.90
C LEU A 95 3.05 -21.62 -9.15
N SER A 96 3.09 -22.81 -8.56
CA SER A 96 1.98 -23.30 -7.75
C SER A 96 1.98 -22.61 -6.38
N LYS A 97 0.86 -22.75 -5.68
CA LYS A 97 0.78 -22.25 -4.32
C LYS A 97 1.77 -22.95 -3.41
N ALA A 98 1.90 -24.27 -3.57
CA ALA A 98 2.90 -25.01 -2.81
C ALA A 98 4.30 -24.48 -3.05
N GLN A 99 4.64 -24.15 -4.30
CA GLN A 99 5.97 -23.64 -4.59
C GLN A 99 6.16 -22.24 -4.01
N LEU A 100 5.11 -21.41 -4.06
CA LEU A 100 5.21 -20.07 -3.47
C LEU A 100 5.36 -20.14 -1.96
N ARG A 101 4.60 -21.04 -1.33
CA ARG A 101 4.75 -21.30 0.10
C ARG A 101 6.19 -21.68 0.45
N GLU A 102 6.74 -22.66 -0.26
N GLU A 102 6.74 -22.66 -0.26
CA GLU A 102 8.11 -23.09 0.00
CA GLU A 102 8.12 -23.09 0.00
C GLU A 102 9.10 -21.94 -0.19
C GLU A 102 9.10 -21.96 -0.20
N PHE A 103 8.89 -21.13 -1.22
CA PHE A 103 9.77 -20.00 -1.49
C PHE A 103 9.76 -19.01 -0.33
N LEU A 104 8.58 -18.62 0.13
CA LEU A 104 8.49 -17.66 1.22
C LEU A 104 9.01 -18.24 2.53
N ASP A 105 8.59 -19.45 2.88
CA ASP A 105 9.05 -20.08 4.10
C ASP A 105 10.57 -20.11 4.18
N ALA A 106 11.23 -20.37 3.04
CA ALA A 106 12.68 -20.44 3.00
C ALA A 106 13.34 -19.15 3.46
N TYR A 107 12.68 -18.00 3.28
CA TYR A 107 13.27 -16.72 3.62
C TYR A 107 12.61 -16.02 4.80
N LEU A 108 11.52 -16.57 5.33
CA LEU A 108 10.85 -16.01 6.50
C LEU A 108 10.96 -16.88 7.73
N LYS A 109 10.62 -18.16 7.62
CA LYS A 109 10.44 -19.03 8.77
C LYS A 109 11.76 -19.40 9.45
N LYS B 3 5.26 2.17 9.82
CA LYS B 3 4.73 1.08 10.63
C LYS B 3 3.37 0.62 10.10
N LYS B 4 3.40 -0.11 8.98
CA LYS B 4 2.20 -0.62 8.30
C LYS B 4 1.38 0.51 7.68
N ILE B 5 2.04 1.57 7.21
CA ILE B 5 1.36 2.74 6.66
C ILE B 5 1.60 2.79 5.16
N LEU B 6 0.53 3.13 4.43
CA LEU B 6 0.51 3.13 2.97
C LEU B 6 0.74 4.55 2.44
N GLN B 7 1.87 4.76 1.78
CA GLN B 7 2.16 6.06 1.17
C GLN B 7 1.42 6.16 -0.16
N LEU B 8 0.39 6.98 -0.21
CA LEU B 8 -0.46 7.12 -1.39
C LEU B 8 0.07 8.22 -2.32
N THR B 9 -0.31 8.11 -3.59
CA THR B 9 0.03 9.09 -4.62
C THR B 9 -1.20 9.34 -5.49
N ASP B 10 -1.08 10.34 -6.37
CA ASP B 10 -2.18 10.62 -7.30
C ASP B 10 -2.50 9.44 -8.19
N ASP B 11 -1.47 8.74 -8.70
CA ASP B 11 -1.70 7.63 -9.62
C ASP B 11 -2.06 6.32 -8.91
N SER B 12 -1.71 6.17 -7.63
CA SER B 12 -1.98 4.95 -6.89
C SER B 12 -3.25 5.04 -6.03
N PHE B 13 -3.86 6.22 -5.92
CA PHE B 13 -4.95 6.43 -4.98
C PHE B 13 -6.18 5.60 -5.34
N GLU B 14 -6.63 5.68 -6.60
CA GLU B 14 -7.81 4.94 -7.03
C GLU B 14 -7.60 3.44 -6.88
N LEU B 15 -6.38 2.96 -7.11
CA LEU B 15 -6.11 1.53 -7.03
C LEU B 15 -6.21 1.02 -5.60
N ASN B 16 -5.78 1.83 -4.63
CA ASN B 16 -5.66 1.35 -3.26
C ASN B 16 -6.75 1.84 -2.32
N VAL B 17 -7.50 2.89 -2.69
CA VAL B 17 -8.54 3.40 -1.81
C VAL B 17 -9.92 3.24 -2.43
N ILE B 18 -10.09 3.75 -3.66
CA ILE B 18 -11.41 3.71 -4.30
C ILE B 18 -11.82 2.27 -4.59
N SER B 19 -10.92 1.50 -5.19
CA SER B 19 -11.22 0.11 -5.55
C SER B 19 -11.15 -0.84 -4.36
N ALA B 20 -10.61 -0.41 -3.23
CA ALA B 20 -10.56 -1.26 -2.05
C ALA B 20 -11.95 -1.44 -1.47
N SER B 21 -12.22 -2.64 -0.96
CA SER B 21 -13.51 -2.91 -0.32
C SER B 21 -13.53 -2.54 1.15
N GLY B 22 -12.38 -2.58 1.82
CA GLY B 22 -12.32 -2.32 3.24
C GLY B 22 -12.33 -0.83 3.55
N VAL B 23 -12.05 -0.54 4.83
CA VAL B 23 -12.01 0.83 5.33
C VAL B 23 -10.56 1.32 5.35
N VAL B 24 -10.37 2.58 4.94
CA VAL B 24 -9.05 3.17 4.75
C VAL B 24 -9.08 4.58 5.33
N LEU B 25 -8.17 4.87 6.25
CA LEU B 25 -7.98 6.22 6.78
C LEU B 25 -6.85 6.90 6.02
N VAL B 26 -7.16 8.03 5.38
CA VAL B 26 -6.19 8.76 4.56
C VAL B 26 -5.85 10.06 5.26
N ASP B 27 -4.55 10.30 5.46
CA ASP B 27 -4.02 11.49 6.12
C ASP B 27 -3.40 12.40 5.06
N PHE B 28 -4.04 13.52 4.75
CA PHE B 28 -3.49 14.50 3.83
C PHE B 28 -2.54 15.41 4.59
N TRP B 29 -1.29 15.50 4.13
CA TRP B 29 -0.26 16.16 4.92
C TRP B 29 0.75 16.83 4.00
N ALA B 30 1.66 17.59 4.60
CA ALA B 30 2.73 18.27 3.88
C ALA B 30 3.83 18.64 4.87
N GLU B 31 5.06 18.74 4.35
CA GLU B 31 6.22 18.98 5.21
C GLU B 31 6.13 20.32 5.94
N TRP B 32 5.60 21.35 5.27
CA TRP B 32 5.52 22.69 5.84
C TRP B 32 4.41 22.84 6.88
N CYS B 33 3.51 21.86 7.01
CA CYS B 33 2.42 21.91 7.97
C CYS B 33 2.91 21.32 9.30
N SER B 34 3.02 22.17 10.32
CA SER B 34 3.50 21.76 11.64
C SER B 34 2.47 20.92 12.41
N PRO B 35 1.16 21.22 12.33
CA PRO B 35 0.18 20.28 12.92
C PRO B 35 0.24 18.90 12.30
N CYS B 36 0.50 18.81 10.99
CA CYS B 36 0.67 17.50 10.36
C CYS B 36 1.79 16.72 11.03
N LYS B 37 2.96 17.35 11.21
CA LYS B 37 4.08 16.69 11.88
C LYS B 37 3.74 16.29 13.30
N SER B 38 2.95 17.11 14.00
CA SER B 38 2.64 16.83 15.40
C SER B 38 1.80 15.55 15.54
N ILE B 39 0.86 15.33 14.63
CA ILE B 39 0.00 14.15 14.70
C ILE B 39 0.62 12.92 14.05
N SER B 40 1.76 13.05 13.38
CA SER B 40 2.35 11.91 12.68
C SER B 40 2.65 10.74 13.62
N PRO B 41 3.27 10.92 14.79
CA PRO B 41 3.45 9.75 15.68
C PRO B 41 2.14 9.14 16.13
N ILE B 42 1.08 9.95 16.25
CA ILE B 42 -0.23 9.43 16.62
C ILE B 42 -0.77 8.52 15.51
N ILE B 43 -0.62 8.96 14.26
CA ILE B 43 -1.10 8.17 13.12
C ILE B 43 -0.43 6.80 13.09
N ASP B 44 0.87 6.74 13.37
CA ASP B 44 1.59 5.47 13.35
C ASP B 44 1.05 4.52 14.42
N GLU B 45 0.89 5.01 15.64
CA GLU B 45 0.32 4.19 16.71
C GLU B 45 -1.07 3.68 16.33
N ILE B 46 -1.90 4.56 15.76
CA ILE B 46 -3.23 4.15 15.32
C ILE B 46 -3.13 3.07 14.25
N SER B 47 -2.12 3.18 13.38
CA SER B 47 -1.94 2.20 12.31
C SER B 47 -1.74 0.80 12.85
N ILE B 48 -0.92 0.64 13.89
CA ILE B 48 -0.73 -0.67 14.49
C ILE B 48 -1.93 -1.06 15.35
N GLU B 49 -2.52 -0.09 16.06
CA GLU B 49 -3.60 -0.37 17.00
C GLU B 49 -4.85 -0.87 16.29
N TYR B 50 -5.28 -0.17 15.24
CA TYR B 50 -6.47 -0.54 14.48
C TYR B 50 -6.12 -1.36 13.25
N ALA B 51 -4.98 -2.07 13.29
CA ALA B 51 -4.52 -2.84 12.15
C ALA B 51 -5.55 -3.87 11.70
N ASP B 52 -6.22 -4.51 12.66
CA ASP B 52 -7.22 -5.52 12.32
C ASP B 52 -8.48 -4.91 11.74
N LYS B 53 -8.70 -3.61 11.94
CA LYS B 53 -9.95 -2.98 11.59
C LYS B 53 -9.87 -2.15 10.31
N LEU B 54 -8.76 -1.48 10.05
CA LEU B 54 -8.67 -0.59 8.89
C LEU B 54 -7.24 -0.52 8.38
N THR B 55 -7.05 0.27 7.32
CA THR B 55 -5.76 0.53 6.70
C THR B 55 -5.49 2.03 6.74
N VAL B 56 -4.29 2.40 7.21
CA VAL B 56 -3.89 3.80 7.28
C VAL B 56 -3.08 4.17 6.05
N GLY B 57 -3.37 5.33 5.48
CA GLY B 57 -2.62 5.83 4.36
C GLY B 57 -2.37 7.32 4.49
N LYS B 58 -1.24 7.76 3.93
CA LYS B 58 -0.84 9.16 3.94
C LYS B 58 -0.64 9.64 2.51
N LEU B 59 -0.99 10.89 2.25
CA LEU B 59 -0.79 11.50 0.94
C LEU B 59 -0.20 12.89 1.14
N ASN B 60 1.02 13.10 0.62
CA ASN B 60 1.66 14.41 0.64
C ASN B 60 1.07 15.27 -0.46
N ILE B 61 0.49 16.41 -0.09
CA ILE B 61 -0.27 17.19 -1.06
C ILE B 61 0.64 18.07 -1.91
N ASP B 62 1.88 18.29 -1.49
CA ASP B 62 2.83 18.98 -2.36
C ASP B 62 3.20 18.12 -3.57
N GLN B 63 3.43 16.82 -3.33
CA GLN B 63 3.80 15.92 -4.41
C GLN B 63 2.60 15.47 -5.23
N ASN B 64 1.40 15.45 -4.65
CA ASN B 64 0.21 14.88 -5.27
C ASN B 64 -0.96 15.84 -5.13
N PRO B 65 -1.09 16.80 -6.06
CA PRO B 65 -2.15 17.81 -5.90
C PRO B 65 -3.53 17.39 -6.43
N VAL B 66 -3.62 16.35 -7.26
CA VAL B 66 -4.89 16.06 -7.95
C VAL B 66 -5.95 15.54 -6.99
N VAL B 67 -5.61 14.52 -6.20
CA VAL B 67 -6.59 13.96 -5.25
C VAL B 67 -7.08 15.00 -4.23
N PRO B 68 -6.20 15.78 -3.58
CA PRO B 68 -6.72 16.86 -2.72
C PRO B 68 -7.68 17.80 -3.42
N THR B 69 -7.35 18.22 -4.65
CA THR B 69 -8.25 19.09 -5.40
C THR B 69 -9.60 18.41 -5.63
N LYS B 70 -9.56 17.15 -6.07
CA LYS B 70 -10.79 16.43 -6.38
C LYS B 70 -11.70 16.31 -5.17
N TYR B 71 -11.14 16.24 -3.97
CA TYR B 71 -11.90 16.10 -2.73
C TYR B 71 -12.09 17.41 -1.98
N GLY B 72 -11.67 18.54 -2.56
CA GLY B 72 -11.90 19.83 -1.95
C GLY B 72 -11.27 19.97 -0.57
N ILE B 73 -10.01 19.56 -0.45
CA ILE B 73 -9.30 19.66 0.82
C ILE B 73 -8.95 21.13 1.07
N ARG B 74 -9.48 21.69 2.17
CA ARG B 74 -9.30 23.11 2.47
C ARG B 74 -7.99 23.38 3.20
N SER B 75 -7.77 22.70 4.32
CA SER B 75 -6.57 22.86 5.13
C SER B 75 -5.98 21.49 5.44
N ILE B 76 -4.81 21.49 6.07
CA ILE B 76 -4.20 20.25 6.51
C ILE B 76 -3.76 20.38 7.96
N PRO B 77 -3.72 19.28 8.74
CA PRO B 77 -4.07 17.93 8.29
C PRO B 77 -5.57 17.68 8.14
N THR B 78 -5.96 16.98 7.08
CA THR B 78 -7.32 16.50 6.91
C THR B 78 -7.30 14.98 6.89
N LEU B 79 -8.19 14.39 7.68
CA LEU B 79 -8.34 12.94 7.76
C LEU B 79 -9.63 12.54 7.05
N LEU B 80 -9.52 11.70 6.03
CA LEU B 80 -10.67 11.16 5.32
C LEU B 80 -10.81 9.68 5.63
N LEU B 81 -11.99 9.29 6.12
CA LEU B 81 -12.29 7.89 6.41
C LEU B 81 -13.11 7.32 5.26
N PHE B 82 -12.53 6.37 4.54
CA PHE B 82 -13.19 5.71 3.42
C PHE B 82 -13.71 4.34 3.84
N LYS B 83 -14.91 4.00 3.36
CA LYS B 83 -15.43 2.63 3.42
C LYS B 83 -15.83 2.24 2.01
N SER B 84 -15.37 1.08 1.56
CA SER B 84 -15.33 0.79 0.13
C SER B 84 -14.67 1.96 -0.58
N GLY B 85 -15.37 2.56 -1.54
CA GLY B 85 -14.83 3.67 -2.28
C GLY B 85 -15.32 5.05 -1.90
N GLU B 86 -16.23 5.15 -0.93
CA GLU B 86 -16.89 6.40 -0.59
CA GLU B 86 -16.85 6.42 -0.61
C GLU B 86 -16.40 6.92 0.76
N VAL B 87 -16.41 8.25 0.90
CA VAL B 87 -16.05 8.90 2.16
C VAL B 87 -17.22 8.80 3.12
N ILE B 88 -16.96 8.33 4.33
CA ILE B 88 -18.00 8.24 5.35
C ILE B 88 -17.81 9.26 6.47
N ALA B 89 -16.60 9.76 6.67
CA ALA B 89 -16.37 10.72 7.76
C ALA B 89 -15.16 11.57 7.41
N THR B 90 -15.10 12.75 8.03
CA THR B 90 -14.05 13.73 7.77
C THR B 90 -13.62 14.30 9.12
N LYS B 91 -12.32 14.59 9.25
CA LYS B 91 -11.80 15.19 10.46
C LYS B 91 -10.72 16.17 10.04
N VAL B 92 -10.94 17.46 10.26
CA VAL B 92 -10.03 18.52 9.82
C VAL B 92 -9.32 19.13 11.02
N GLY B 93 -8.01 19.32 10.88
CA GLY B 93 -7.19 19.93 11.92
C GLY B 93 -6.49 18.89 12.78
N ALA B 94 -5.48 19.36 13.51
CA ALA B 94 -4.74 18.48 14.40
C ALA B 94 -5.65 18.00 15.52
N LEU B 95 -5.28 16.86 16.10
CA LEU B 95 -6.13 16.27 17.11
C LEU B 95 -5.29 15.38 18.02
N SER B 96 -5.78 15.19 19.24
CA SER B 96 -5.14 14.28 20.16
C SER B 96 -5.43 12.85 19.74
N LYS B 97 -4.66 11.91 20.30
CA LYS B 97 -4.93 10.52 19.97
C LYS B 97 -6.30 10.09 20.50
N ALA B 98 -6.64 10.49 21.72
CA ALA B 98 -7.95 10.17 22.28
C ALA B 98 -9.07 10.65 21.36
N GLN B 99 -8.91 11.83 20.77
CA GLN B 99 -9.90 12.33 19.83
C GLN B 99 -9.91 11.49 18.56
N LEU B 100 -8.73 11.04 18.13
CA LEU B 100 -8.67 10.19 16.95
C LEU B 100 -9.30 8.81 17.22
N ARG B 101 -9.03 8.22 18.40
CA ARG B 101 -9.74 7.00 18.77
C ARG B 101 -11.25 7.21 18.71
N GLU B 102 -11.74 8.23 19.42
CA GLU B 102 -13.17 8.52 19.45
C GLU B 102 -13.72 8.69 18.05
N PHE B 103 -12.98 9.38 17.19
CA PHE B 103 -13.41 9.56 15.81
C PHE B 103 -13.57 8.22 15.09
N LEU B 104 -12.56 7.36 15.20
CA LEU B 104 -12.62 6.07 14.51
C LEU B 104 -13.68 5.16 15.12
N ASP B 105 -13.68 5.02 16.45
CA ASP B 105 -14.66 4.19 17.13
C ASP B 105 -16.09 4.60 16.75
N ALA B 106 -16.33 5.90 16.62
CA ALA B 106 -17.66 6.41 16.33
C ALA B 106 -18.24 5.85 15.04
N TYR B 107 -17.40 5.52 14.06
CA TYR B 107 -17.87 5.06 12.75
C TYR B 107 -17.55 3.61 12.45
N LEU B 108 -16.87 2.91 13.35
CA LEU B 108 -16.54 1.50 13.14
C LEU B 108 -17.42 0.60 14.00
C1 PEG C . 11.97 4.31 -9.29
O1 PEG C . 12.13 5.35 -10.25
C2 PEG C . 13.18 4.19 -8.42
O2 PEG C . 13.04 3.05 -7.59
C3 PEG C . 14.06 2.09 -7.79
C4 PEG C . 15.30 2.51 -7.05
O4 PEG C . 16.41 2.56 -7.92
O1 PG4 D . 18.48 -7.15 -9.19
C1 PG4 D . 17.76 -8.33 -8.85
C2 PG4 D . 16.47 -8.43 -9.60
O2 PG4 D . 16.70 -9.04 -10.87
C3 PG4 D . 15.50 -9.19 -11.62
C4 PG4 D . 15.80 -9.86 -12.92
O3 PG4 D . 15.36 -11.21 -12.87
C5 PG4 D . 16.44 -12.00 -13.37
C6 PG4 D . 16.52 -13.28 -12.61
O4 PG4 D . 17.86 -13.52 -12.24
C7 PG4 D . 18.46 -14.22 -13.32
C8 PG4 D . 19.81 -13.63 -13.61
O5 PG4 D . 20.13 -13.85 -14.97
C1 PEG E . 23.39 -18.07 -19.81
O1 PEG E . 23.64 -16.97 -18.94
C2 PEG E . 22.44 -17.70 -20.90
O2 PEG E . 21.14 -18.18 -20.58
C3 PEG E . 20.18 -17.14 -20.46
C4 PEG E . 18.88 -17.73 -19.98
O4 PEG E . 18.00 -16.71 -19.52
C1 EDO F . 12.58 8.10 -13.40
O1 EDO F . 11.67 8.35 -14.46
C2 EDO F . 13.89 7.60 -13.97
O2 EDO F . 14.86 7.50 -12.91
C1 PEG G . 2.09 -25.81 -11.71
O1 PEG G . 1.61 -26.76 -12.66
C2 PEG G . 2.00 -24.42 -12.25
O2 PEG G . 0.81 -23.80 -11.79
C3 PEG G . 0.44 -22.68 -12.59
C4 PEG G . -0.41 -21.76 -11.77
O4 PEG G . -1.56 -22.42 -11.25
S SO4 H . 4.26 9.92 -14.05
O1 SO4 H . 4.46 8.55 -14.52
O2 SO4 H . 5.55 10.61 -14.02
O3 SO4 H . 3.37 10.62 -14.97
O4 SO4 H . 3.68 9.91 -12.72
C1 GOL I . -5.27 22.29 -0.47
O1 GOL I . -4.97 21.64 -1.68
C2 GOL I . -4.02 23.11 -0.09
O2 GOL I . -4.14 23.66 1.18
C3 GOL I . -3.90 24.18 -1.19
O3 GOL I . -2.58 24.62 -1.18
C1 PGE J . -22.12 -0.82 2.04
O1 PGE J . -22.01 0.48 1.47
C2 PGE J . -21.10 -0.94 3.16
O2 PGE J . -21.75 -0.77 4.41
C3 PGE J . -22.14 0.55 4.67
C4 PGE J . -22.22 0.77 6.16
O4 PGE J . -19.85 1.65 8.29
C6 PGE J . -20.43 2.87 7.86
C5 PGE J . -20.91 2.72 6.43
O3 PGE J . -22.21 2.15 6.44
C1 EDO K . 3.44 12.77 -8.45
O1 EDO K . 2.07 12.65 -8.05
C2 EDO K . 4.32 12.19 -7.35
O2 EDO K . 5.70 12.46 -7.63
#